data_5D88
#
_entry.id   5D88
#
_cell.length_a   79.150
_cell.length_b   79.150
_cell.length_c   89.158
_cell.angle_alpha   90.000
_cell.angle_beta   90.000
_cell.angle_gamma   120.000
#
_symmetry.space_group_name_H-M   'P 32 2 1'
#
loop_
_entity.id
_entity.type
_entity.pdbx_description
1 polymer 'Predicted protease of the collagenase family'
2 non-polymer 'ZINC ION'
3 non-polymer 'ACETATE ION'
4 water water
#
_entity_poly.entity_id   1
_entity_poly.type   'polypeptide(L)'
_entity_poly.pdbx_seq_one_letter_code
;MGSWSHPQFEKSSGLVPRGSMTRRWYLCCSRHHLDTVPEDSDGIVVPVTEHGVATLLPRYPETYEVEDIVDVAKDRGLSV
QALMDFTCAGCEHLSPDGYPSLRSTLDYLASDLEVDGVVVADPYLVEVLATEYDLTVVVSHTAAVDTPEKAWHFERLGAD
VITVDPALNSNEEEVSAIRERVSVELRTAVGAITFRDPVAFFERNLFSHATAEGIEVDPYRNNPYEPMRERVVVWEVREE
LFDEVFILASGEPP
;
_entity_poly.pdbx_strand_id   A
#
loop_
_chem_comp.id
_chem_comp.type
_chem_comp.name
_chem_comp.formula
ACT non-polymer 'ACETATE ION' 'C2 H3 O2 -1'
ZN non-polymer 'ZINC ION' 'Zn 2'
#
# COMPACT_ATOMS: atom_id res chain seq x y z
N GLY A 2 2.56 10.69 -35.40
CA GLY A 2 2.78 9.95 -36.69
C GLY A 2 3.89 8.92 -36.66
N SER A 3 4.49 8.77 -37.82
CA SER A 3 5.55 7.80 -38.06
C SER A 3 6.44 8.42 -39.11
N TRP A 4 7.52 7.73 -39.48
CA TRP A 4 8.47 8.43 -40.34
C TRP A 4 7.85 8.75 -41.70
N SER A 5 6.94 7.90 -42.17
CA SER A 5 6.29 8.11 -43.46
C SER A 5 5.02 8.94 -43.36
N HIS A 6 4.61 9.31 -42.14
CA HIS A 6 3.37 10.05 -41.92
C HIS A 6 3.67 11.16 -40.92
N PRO A 7 4.39 12.19 -41.35
CA PRO A 7 4.79 13.24 -40.40
C PRO A 7 3.58 13.97 -39.82
N GLN A 8 3.73 14.43 -38.58
CA GLN A 8 2.61 14.93 -37.81
C GLN A 8 3.12 15.93 -36.79
N PHE A 9 2.40 17.02 -36.64
CA PHE A 9 2.68 17.96 -35.57
C PHE A 9 1.44 18.11 -34.69
N GLU A 10 1.60 17.79 -33.40
CA GLU A 10 0.61 17.95 -32.37
C GLU A 10 1.12 18.91 -31.32
N LYS A 11 0.21 19.73 -30.79
CA LYS A 11 0.54 20.78 -29.83
C LYS A 11 -0.34 20.58 -28.61
N SER A 12 0.27 20.58 -27.43
CA SER A 12 -0.40 20.33 -26.15
C SER A 12 -0.91 18.89 -26.08
N GLY A 19 1.89 17.94 -13.15
CA GLY A 19 0.61 17.70 -12.41
C GLY A 19 0.80 17.73 -10.91
N SER A 20 0.40 18.85 -10.28
CA SER A 20 0.58 19.04 -8.85
C SER A 20 -0.74 19.44 -8.18
N MET A 21 -1.73 18.57 -8.30
CA MET A 21 -2.86 18.54 -7.37
C MET A 21 -2.65 17.30 -6.51
N THR A 22 -3.17 17.32 -5.28
CA THR A 22 -3.06 16.17 -4.39
C THR A 22 -3.83 14.99 -4.96
N ARG A 23 -3.18 13.83 -5.04
CA ARG A 23 -3.81 12.64 -5.58
C ARG A 23 -4.43 11.83 -4.45
N ARG A 24 -5.64 11.34 -4.66
CA ARG A 24 -6.43 10.75 -3.58
CA ARG A 24 -6.43 10.75 -3.58
C ARG A 24 -6.73 9.29 -3.88
N TRP A 25 -6.36 8.43 -2.95
CA TRP A 25 -6.52 6.98 -3.02
C TRP A 25 -7.40 6.52 -1.87
N TYR A 26 -8.27 5.56 -2.16
CA TYR A 26 -9.17 5.01 -1.15
C TYR A 26 -8.99 3.50 -1.04
N LEU A 27 -8.92 3.03 0.20
CA LEU A 27 -8.95 1.61 0.47
C LEU A 27 -10.29 1.02 0.03
N CYS A 28 -10.25 -0.15 -0.58
CA CYS A 28 -11.46 -0.85 -0.96
C CYS A 28 -11.32 -2.32 -0.60
N CYS A 29 -12.16 -2.79 0.33
CA CYS A 29 -12.06 -4.14 0.88
C CYS A 29 -13.16 -5.06 0.39
N SER A 30 -14.09 -4.56 -0.39
CA SER A 30 -15.20 -5.37 -0.88
C SER A 30 -15.80 -4.71 -2.10
N ARG A 31 -16.49 -5.51 -2.89
CA ARG A 31 -17.23 -4.96 -4.02
C ARG A 31 -18.20 -3.87 -3.56
N HIS A 32 -18.83 -4.06 -2.40
CA HIS A 32 -19.78 -3.05 -1.95
C HIS A 32 -19.08 -1.77 -1.51
N HIS A 33 -17.94 -1.89 -0.84
CA HIS A 33 -17.13 -0.74 -0.41
C HIS A 33 -16.77 0.15 -1.59
N LEU A 34 -16.61 -0.44 -2.78
CA LEU A 34 -16.23 0.31 -3.97
C LEU A 34 -17.27 1.38 -4.30
N ASP A 35 -18.55 1.09 -4.07
CA ASP A 35 -19.61 2.04 -4.41
C ASP A 35 -19.56 3.31 -3.57
N THR A 36 -18.80 3.33 -2.47
CA THR A 36 -18.71 4.51 -1.62
C THR A 36 -17.50 5.38 -1.93
N VAL A 37 -16.63 4.94 -2.81
CA VAL A 37 -15.46 5.73 -3.19
C VAL A 37 -15.94 6.97 -3.94
N PRO A 38 -15.46 8.16 -3.59
CA PRO A 38 -15.91 9.36 -4.31
C PRO A 38 -15.61 9.27 -5.80
N GLU A 39 -16.52 9.85 -6.59
CA GLU A 39 -16.42 9.74 -8.05
C GLU A 39 -15.12 10.33 -8.58
N ASP A 40 -14.60 11.39 -7.96
CA ASP A 40 -13.42 12.08 -8.48
C ASP A 40 -12.11 11.50 -7.96
N SER A 41 -12.14 10.34 -7.31
CA SER A 41 -10.93 9.78 -6.74
C SER A 41 -9.96 9.38 -7.84
N ASP A 42 -8.68 9.36 -7.48
CA ASP A 42 -7.68 8.97 -8.46
C ASP A 42 -7.56 7.45 -8.56
N GLY A 43 -7.72 6.76 -7.44
CA GLY A 43 -7.51 5.32 -7.47
C GLY A 43 -8.00 4.65 -6.20
N ILE A 44 -7.99 3.33 -6.23
CA ILE A 44 -8.30 2.52 -5.08
C ILE A 44 -7.11 1.62 -4.76
N VAL A 45 -7.02 1.24 -3.49
CA VAL A 45 -6.02 0.32 -2.95
C VAL A 45 -6.77 -0.89 -2.46
N VAL A 46 -6.47 -2.06 -3.01
CA VAL A 46 -7.22 -3.28 -2.72
C VAL A 46 -6.28 -4.31 -2.11
N PRO A 47 -6.60 -4.84 -0.93
CA PRO A 47 -5.75 -5.87 -0.31
C PRO A 47 -5.76 -7.14 -1.14
N VAL A 48 -4.57 -7.67 -1.43
CA VAL A 48 -4.45 -8.96 -2.08
CA VAL A 48 -4.47 -8.96 -2.08
C VAL A 48 -4.14 -9.96 -0.96
N THR A 49 -5.19 -10.32 -0.24
CA THR A 49 -5.09 -10.96 1.07
C THR A 49 -4.15 -12.16 1.08
N GLU A 50 -4.36 -13.09 0.16
CA GLU A 50 -3.65 -14.36 0.24
C GLU A 50 -2.16 -14.22 -0.05
N HIS A 51 -1.67 -13.04 -0.45
CA HIS A 51 -0.26 -12.81 -0.62
C HIS A 51 0.38 -12.05 0.53
N GLY A 52 -0.38 -11.71 1.57
CA GLY A 52 0.16 -11.14 2.79
C GLY A 52 -0.06 -9.65 2.93
N VAL A 53 -0.87 -9.29 3.92
CA VAL A 53 -1.23 -7.90 4.22
C VAL A 53 -0.96 -7.67 5.70
N ALA A 54 -0.19 -6.61 6.01
CA ALA A 54 0.08 -6.20 7.39
C ALA A 54 -0.89 -5.15 7.90
N THR A 55 -1.44 -4.32 7.02
CA THR A 55 -2.40 -3.32 7.42
C THR A 55 -3.57 -4.02 8.11
N LEU A 56 -4.01 -3.45 9.24
CA LEU A 56 -5.02 -4.05 10.11
C LEU A 56 -6.40 -3.56 9.70
N LEU A 57 -7.20 -4.47 9.17
CA LEU A 57 -8.48 -4.14 8.57
C LEU A 57 -9.64 -4.89 9.21
N PRO A 58 -10.87 -4.38 9.04
CA PRO A 58 -12.06 -5.10 9.52
C PRO A 58 -12.39 -6.36 8.73
N ARG A 59 -11.99 -6.41 7.47
CA ARG A 59 -12.25 -7.56 6.63
C ARG A 59 -11.26 -7.52 5.49
N TYR A 60 -10.97 -8.69 4.95
CA TYR A 60 -10.00 -8.85 3.88
C TYR A 60 -10.67 -9.62 2.76
N PRO A 61 -10.61 -9.15 1.51
CA PRO A 61 -11.36 -9.80 0.45
C PRO A 61 -10.69 -11.08 -0.01
N GLU A 62 -11.52 -12.07 -0.34
CA GLU A 62 -11.04 -13.29 -0.99
C GLU A 62 -10.63 -13.00 -2.42
N THR A 63 -9.88 -13.94 -3.00
CA THR A 63 -9.32 -13.69 -4.31
C THR A 63 -10.41 -13.41 -5.35
N TYR A 64 -11.53 -14.12 -5.31
CA TYR A 64 -12.56 -13.87 -6.32
C TYR A 64 -13.14 -12.47 -6.16
N GLU A 65 -13.18 -11.95 -4.93
CA GLU A 65 -13.66 -10.59 -4.70
C GLU A 65 -12.68 -9.56 -5.23
N VAL A 66 -11.38 -9.77 -5.01
CA VAL A 66 -10.36 -8.86 -5.52
C VAL A 66 -10.53 -8.68 -7.03
N GLU A 67 -10.75 -9.78 -7.74
CA GLU A 67 -10.82 -9.69 -9.20
C GLU A 67 -12.05 -8.92 -9.65
N ASP A 68 -13.17 -9.12 -8.95
CA ASP A 68 -14.37 -8.34 -9.22
C ASP A 68 -14.17 -6.86 -8.92
N ILE A 69 -13.54 -6.53 -7.78
CA ILE A 69 -13.27 -5.14 -7.43
C ILE A 69 -12.45 -4.46 -8.50
N VAL A 70 -11.40 -5.14 -8.97
CA VAL A 70 -10.47 -4.51 -9.90
C VAL A 70 -11.14 -4.26 -11.24
N ASP A 71 -11.94 -5.23 -11.72
CA ASP A 71 -12.67 -5.03 -12.98
C ASP A 71 -13.56 -3.81 -12.92
N VAL A 72 -14.42 -3.73 -11.90
CA VAL A 72 -15.38 -2.65 -11.83
C VAL A 72 -14.66 -1.31 -11.64
N ALA A 73 -13.59 -1.29 -10.84
CA ALA A 73 -12.85 -0.04 -10.63
C ALA A 73 -12.26 0.48 -11.94
N LYS A 74 -11.72 -0.41 -12.77
CA LYS A 74 -11.19 0.04 -14.06
C LYS A 74 -12.32 0.55 -14.96
N ASP A 75 -13.47 -0.12 -14.95
CA ASP A 75 -14.61 0.37 -15.73
C ASP A 75 -14.92 1.80 -15.36
N ARG A 76 -14.79 2.15 -14.09
CA ARG A 76 -15.08 3.49 -13.60
C ARG A 76 -13.88 4.43 -13.73
N GLY A 77 -12.83 3.98 -14.40
CA GLY A 77 -11.67 4.82 -14.67
C GLY A 77 -10.77 5.07 -13.49
N LEU A 78 -10.88 4.27 -12.43
CA LEU A 78 -10.00 4.38 -11.29
C LEU A 78 -8.70 3.63 -11.53
N SER A 79 -7.58 4.24 -11.14
CA SER A 79 -6.34 3.49 -11.03
C SER A 79 -6.45 2.51 -9.86
N VAL A 80 -5.64 1.45 -9.91
CA VAL A 80 -5.73 0.35 -8.96
C VAL A 80 -4.34 0.00 -8.45
N GLN A 81 -4.18 -0.03 -7.13
CA GLN A 81 -2.98 -0.55 -6.53
C GLN A 81 -3.34 -1.72 -5.63
N ALA A 82 -2.52 -2.76 -5.71
CA ALA A 82 -2.61 -3.91 -4.83
C ALA A 82 -1.89 -3.61 -3.53
N LEU A 83 -2.54 -3.88 -2.42
CA LEU A 83 -1.94 -3.78 -1.09
C LEU A 83 -1.42 -5.17 -0.70
N MET A 84 -0.10 -5.28 -0.64
CA MET A 84 0.61 -6.54 -0.34
C MET A 84 1.75 -6.16 0.60
N ASP A 85 1.39 -5.58 1.76
CA ASP A 85 2.37 -4.91 2.59
C ASP A 85 2.75 -5.70 3.84
N PHE A 86 2.76 -7.03 3.73
CA PHE A 86 3.28 -7.86 4.80
C PHE A 86 4.63 -7.37 5.28
N THR A 87 4.84 -7.47 6.60
CA THR A 87 6.12 -7.11 7.20
C THR A 87 6.98 -8.32 7.50
N CYS A 88 6.46 -9.53 7.25
CA CYS A 88 7.19 -10.77 7.47
C CYS A 88 6.62 -11.82 6.53
N ALA A 89 7.51 -12.55 5.85
CA ALA A 89 7.13 -13.70 5.04
C ALA A 89 7.77 -14.98 5.57
N GLY A 90 8.14 -14.98 6.85
CA GLY A 90 8.74 -16.16 7.43
C GLY A 90 10.04 -16.48 6.75
N CYS A 91 10.27 -17.77 6.48
CA CYS A 91 11.48 -18.27 5.85
C CYS A 91 11.38 -18.32 4.33
N GLU A 92 10.37 -17.68 3.73
CA GLU A 92 10.21 -17.83 2.29
C GLU A 92 11.46 -17.41 1.53
N HIS A 93 12.09 -16.31 1.95
CA HIS A 93 13.25 -15.78 1.23
C HIS A 93 14.46 -16.71 1.35
N LEU A 94 14.46 -17.64 2.32
CA LEU A 94 15.61 -18.50 2.54
C LEU A 94 15.65 -19.72 1.64
N SER A 95 14.53 -20.09 1.03
CA SER A 95 14.49 -21.31 0.24
C SER A 95 14.74 -21.00 -1.23
N PRO A 96 15.25 -21.95 -2.01
CA PRO A 96 15.42 -21.66 -3.44
C PRO A 96 14.09 -21.40 -4.13
N ASP A 97 13.00 -21.99 -3.63
CA ASP A 97 11.67 -21.74 -4.17
C ASP A 97 11.22 -20.31 -3.95
N GLY A 98 11.81 -19.57 -3.02
CA GLY A 98 11.27 -18.28 -2.66
C GLY A 98 11.23 -17.30 -3.82
N TYR A 99 12.31 -17.23 -4.61
CA TYR A 99 12.32 -16.25 -5.69
C TYR A 99 11.30 -16.60 -6.76
N PRO A 100 11.22 -17.83 -7.27
CA PRO A 100 10.16 -18.13 -8.23
C PRO A 100 8.76 -17.88 -7.69
N SER A 101 8.52 -18.20 -6.41
CA SER A 101 7.20 -17.93 -5.82
C SER A 101 6.88 -16.45 -5.84
N LEU A 102 7.87 -15.62 -5.51
CA LEU A 102 7.68 -14.19 -5.52
C LEU A 102 7.38 -13.68 -6.92
N ARG A 103 8.16 -14.13 -7.91
CA ARG A 103 7.93 -13.68 -9.27
C ARG A 103 6.57 -14.14 -9.76
N SER A 104 6.14 -15.34 -9.38
CA SER A 104 4.81 -15.79 -9.77
C SER A 104 3.74 -14.85 -9.22
N THR A 105 3.88 -14.45 -7.97
CA THR A 105 2.94 -13.51 -7.34
C THR A 105 2.94 -12.17 -8.06
N LEU A 106 4.13 -11.62 -8.33
CA LEU A 106 4.17 -10.32 -9.00
C LEU A 106 3.65 -10.42 -10.42
N ASP A 107 3.88 -11.55 -11.11
CA ASP A 107 3.27 -11.74 -12.43
C ASP A 107 1.76 -11.70 -12.35
N TYR A 108 1.22 -12.32 -11.31
CA TYR A 108 -0.22 -12.27 -11.11
C TYR A 108 -0.71 -10.83 -11.00
N LEU A 109 -0.03 -10.04 -10.17
CA LEU A 109 -0.41 -8.64 -10.02
C LEU A 109 -0.25 -7.87 -11.32
N ALA A 110 0.88 -8.05 -11.99
CA ALA A 110 1.22 -7.23 -13.15
C ALA A 110 0.44 -7.62 -14.39
N SER A 111 0.22 -8.92 -14.61
CA SER A 111 -0.25 -9.41 -15.89
C SER A 111 -1.64 -10.02 -15.86
N ASP A 112 -2.09 -10.51 -14.71
CA ASP A 112 -3.43 -11.08 -14.58
CA ASP A 112 -3.42 -11.08 -14.56
C ASP A 112 -4.40 -10.04 -14.04
N LEU A 113 -4.16 -9.53 -12.82
CA LEU A 113 -4.97 -8.43 -12.29
C LEU A 113 -4.74 -7.15 -13.07
N GLU A 114 -3.50 -6.96 -13.55
CA GLU A 114 -3.10 -5.74 -14.26
C GLU A 114 -3.28 -4.50 -13.41
N VAL A 115 -2.78 -4.57 -12.17
CA VAL A 115 -2.77 -3.39 -11.33
C VAL A 115 -1.75 -2.37 -11.86
N ASP A 116 -1.97 -1.12 -11.47
CA ASP A 116 -1.07 -0.03 -11.83
C ASP A 116 0.12 0.11 -10.89
N GLY A 117 -0.02 -0.37 -9.66
CA GLY A 117 1.04 -0.27 -8.68
C GLY A 117 0.81 -1.25 -7.56
N VAL A 118 1.80 -1.32 -6.68
CA VAL A 118 1.79 -2.25 -5.55
C VAL A 118 2.31 -1.52 -4.33
N VAL A 119 1.59 -1.68 -3.21
CA VAL A 119 1.93 -1.08 -1.94
C VAL A 119 2.53 -2.18 -1.07
N VAL A 120 3.83 -2.06 -0.77
CA VAL A 120 4.58 -3.11 -0.09
C VAL A 120 5.37 -2.49 1.06
N ALA A 121 5.79 -3.34 1.98
CA ALA A 121 6.70 -2.96 3.04
C ALA A 121 8.08 -3.59 2.94
N ASP A 122 8.16 -4.83 2.49
CA ASP A 122 9.40 -5.57 2.55
C ASP A 122 10.42 -4.98 1.58
N PRO A 123 11.58 -4.54 2.07
CA PRO A 123 12.60 -3.96 1.18
C PRO A 123 12.99 -4.87 0.02
N TYR A 124 12.97 -6.18 0.23
CA TYR A 124 13.34 -7.07 -0.85
C TYR A 124 12.31 -7.00 -1.98
N LEU A 125 11.02 -6.92 -1.63
CA LEU A 125 9.99 -6.78 -2.64
C LEU A 125 10.12 -5.46 -3.39
N VAL A 126 10.44 -4.37 -2.67
CA VAL A 126 10.67 -3.10 -3.33
C VAL A 126 11.71 -3.27 -4.43
N GLU A 127 12.81 -3.92 -4.09
CA GLU A 127 13.92 -4.07 -5.03
C GLU A 127 13.52 -4.92 -6.23
N VAL A 128 12.86 -6.05 -6.00
CA VAL A 128 12.48 -6.92 -7.11
C VAL A 128 11.45 -6.22 -8.00
N LEU A 129 10.44 -5.58 -7.39
CA LEU A 129 9.43 -4.88 -8.18
C LEU A 129 10.04 -3.79 -9.03
N ALA A 130 10.92 -2.97 -8.45
CA ALA A 130 11.51 -1.86 -9.20
C ALA A 130 12.42 -2.34 -10.32
N THR A 131 13.15 -3.42 -10.09
CA THR A 131 14.09 -3.94 -11.07
C THR A 131 13.41 -4.66 -12.22
N GLU A 132 12.42 -5.51 -11.93
CA GLU A 132 11.91 -6.46 -12.91
C GLU A 132 10.54 -6.11 -13.50
N TYR A 133 9.83 -5.15 -12.92
CA TYR A 133 8.47 -4.82 -13.35
C TYR A 133 8.40 -3.35 -13.69
N ASP A 134 7.25 -2.93 -14.21
CA ASP A 134 6.97 -1.56 -14.61
C ASP A 134 5.70 -1.07 -13.93
N LEU A 135 5.60 -1.31 -12.65
CA LEU A 135 4.50 -0.91 -11.78
C LEU A 135 4.97 0.22 -10.88
N THR A 136 4.02 1.03 -10.40
CA THR A 136 4.34 2.01 -9.36
C THR A 136 4.67 1.27 -8.07
N VAL A 137 5.83 1.55 -7.49
CA VAL A 137 6.28 0.90 -6.27
C VAL A 137 6.04 1.86 -5.11
N VAL A 138 5.08 1.52 -4.25
CA VAL A 138 4.67 2.35 -3.13
C VAL A 138 5.11 1.66 -1.84
N VAL A 139 5.87 2.36 -1.00
CA VAL A 139 6.21 1.85 0.31
C VAL A 139 5.07 2.14 1.27
N SER A 140 4.53 1.08 1.85
CA SER A 140 3.43 1.19 2.80
C SER A 140 3.84 1.90 4.07
N HIS A 141 2.87 2.53 4.72
CA HIS A 141 3.07 3.03 6.06
C HIS A 141 3.45 1.93 7.04
N THR A 142 3.17 0.66 6.74
CA THR A 142 3.57 -0.39 7.67
C THR A 142 5.08 -0.63 7.71
N ALA A 143 5.83 -0.04 6.77
CA ALA A 143 7.28 -0.08 6.86
C ALA A 143 7.85 0.94 7.85
N ALA A 144 7.01 1.83 8.37
CA ALA A 144 7.38 2.76 9.44
C ALA A 144 8.52 3.71 9.04
N VAL A 145 8.45 4.25 7.83
CA VAL A 145 9.45 5.21 7.37
C VAL A 145 9.19 6.54 8.08
N ASP A 146 10.08 6.93 8.97
CA ASP A 146 9.85 8.12 9.76
C ASP A 146 11.05 9.05 9.79
N THR A 147 12.07 8.78 8.99
CA THR A 147 13.29 9.55 9.00
C THR A 147 13.78 9.75 7.58
N PRO A 148 14.55 10.81 7.34
CA PRO A 148 15.18 10.95 6.02
C PRO A 148 16.05 9.76 5.64
N GLU A 149 16.78 9.18 6.59
N GLU A 149 16.78 9.21 6.61
CA GLU A 149 17.67 8.07 6.25
CA GLU A 149 17.65 8.06 6.36
C GLU A 149 16.88 6.84 5.83
C GLU A 149 16.86 6.87 5.83
N LYS A 150 15.77 6.53 6.51
CA LYS A 150 14.95 5.40 6.07
C LYS A 150 14.34 5.66 4.71
N ALA A 151 13.87 6.87 4.48
CA ALA A 151 13.31 7.20 3.17
C ALA A 151 14.36 7.05 2.08
N TRP A 152 15.57 7.52 2.35
CA TRP A 152 16.62 7.48 1.33
C TRP A 152 16.96 6.04 0.94
N HIS A 153 17.01 5.13 1.92
CA HIS A 153 17.30 3.74 1.58
C HIS A 153 16.17 3.12 0.77
N PHE A 154 14.91 3.42 1.10
CA PHE A 154 13.83 2.86 0.30
C PHE A 154 13.83 3.44 -1.12
N GLU A 155 14.18 4.70 -1.26
CA GLU A 155 14.32 5.28 -2.59
C GLU A 155 15.41 4.57 -3.39
N ARG A 156 16.56 4.33 -2.74
CA ARG A 156 17.67 3.67 -3.41
C ARG A 156 17.29 2.26 -3.85
N LEU A 157 16.44 1.59 -3.08
CA LEU A 157 15.99 0.25 -3.45
C LEU A 157 14.99 0.27 -4.60
N GLY A 158 14.39 1.43 -4.88
CA GLY A 158 13.53 1.57 -6.04
C GLY A 158 12.12 2.08 -5.78
N ALA A 159 11.85 2.60 -4.59
CA ALA A 159 10.51 3.13 -4.35
C ALA A 159 10.22 4.31 -5.26
N ASP A 160 8.98 4.37 -5.77
CA ASP A 160 8.47 5.53 -6.48
C ASP A 160 7.71 6.49 -5.57
N VAL A 161 7.09 5.94 -4.54
CA VAL A 161 6.25 6.67 -3.59
C VAL A 161 6.56 6.10 -2.22
N ILE A 162 6.69 6.96 -1.22
CA ILE A 162 6.89 6.52 0.16
C ILE A 162 5.75 7.07 1.01
N THR A 163 5.05 6.17 1.69
CA THR A 163 4.05 6.54 2.68
C THR A 163 4.77 6.73 4.01
N VAL A 164 4.70 7.92 4.58
CA VAL A 164 5.37 8.14 5.85
C VAL A 164 4.62 7.43 6.97
N ASP A 165 5.35 7.14 8.05
CA ASP A 165 4.66 6.68 9.24
C ASP A 165 3.63 7.74 9.65
N PRO A 166 2.42 7.32 10.03
CA PRO A 166 1.36 8.29 10.32
C PRO A 166 1.69 9.30 11.41
N ALA A 167 2.67 9.01 12.28
CA ALA A 167 3.06 10.00 13.27
C ALA A 167 3.54 11.29 12.64
N LEU A 168 3.95 11.26 11.38
CA LEU A 168 4.46 12.45 10.68
C LEU A 168 3.37 13.21 9.92
N ASN A 169 2.12 12.80 10.02
CA ASN A 169 1.08 13.31 9.13
C ASN A 169 0.82 14.79 9.30
N SER A 170 1.17 15.38 10.45
CA SER A 170 1.01 16.81 10.65
C SER A 170 2.32 17.50 10.98
N ASN A 171 3.44 16.86 10.68
CA ASN A 171 4.75 17.31 11.16
C ASN A 171 5.50 17.95 9.99
N GLU A 172 5.39 19.28 9.87
CA GLU A 172 6.00 19.96 8.72
C GLU A 172 7.51 19.80 8.73
N GLU A 173 8.13 19.96 9.90
CA GLU A 173 9.58 19.91 10.00
C GLU A 173 10.12 18.55 9.55
N GLU A 174 9.51 17.48 10.02
CA GLU A 174 10.03 16.15 9.72
C GLU A 174 9.71 15.74 8.30
N VAL A 175 8.53 16.10 7.79
CA VAL A 175 8.25 15.81 6.39
C VAL A 175 9.20 16.60 5.50
N SER A 176 9.50 17.84 5.89
CA SER A 176 10.42 18.67 5.10
C SER A 176 11.81 18.07 5.07
N ALA A 177 12.28 17.54 6.21
CA ALA A 177 13.57 16.90 6.24
C ALA A 177 13.63 15.71 5.29
N ILE A 178 12.53 14.96 5.18
CA ILE A 178 12.48 13.85 4.23
C ILE A 178 12.54 14.37 2.80
N ARG A 179 11.74 15.39 2.49
CA ARG A 179 11.75 15.98 1.15
C ARG A 179 13.12 16.49 0.74
N GLU A 180 13.88 17.05 1.69
CA GLU A 180 15.21 17.54 1.37
C GLU A 180 16.11 16.40 0.90
N ARG A 181 15.82 15.19 1.34
CA ARG A 181 16.70 14.05 1.15
C ARG A 181 16.35 13.21 -0.07
N VAL A 182 15.07 13.10 -0.40
CA VAL A 182 14.63 12.19 -1.45
C VAL A 182 13.81 12.93 -2.49
N SER A 183 13.67 12.29 -3.65
CA SER A 183 12.95 12.87 -4.76
C SER A 183 11.64 12.15 -5.05
N VAL A 184 11.31 11.11 -4.29
CA VAL A 184 10.08 10.34 -4.50
C VAL A 184 8.86 11.16 -4.13
N GLU A 185 7.70 10.70 -4.56
CA GLU A 185 6.45 11.25 -4.08
C GLU A 185 6.23 10.80 -2.64
N LEU A 186 5.61 11.66 -1.85
CA LEU A 186 5.28 11.31 -0.47
C LEU A 186 3.77 11.18 -0.30
N ARG A 187 3.37 10.10 0.35
CA ARG A 187 1.98 9.78 0.63
C ARG A 187 1.75 9.80 2.12
N THR A 188 0.55 10.20 2.51
CA THR A 188 0.09 10.12 3.89
C THR A 188 -1.12 9.20 3.97
N ALA A 189 -1.13 8.35 4.99
CA ALA A 189 -2.24 7.44 5.24
C ALA A 189 -3.08 7.99 6.38
N VAL A 190 -4.38 8.13 6.14
CA VAL A 190 -5.33 8.68 7.10
C VAL A 190 -6.19 7.56 7.67
N GLY A 191 -6.23 7.47 9.00
CA GLY A 191 -6.90 6.38 9.65
C GLY A 191 -6.01 5.20 9.89
N ALA A 192 -4.70 5.42 9.87
CA ALA A 192 -3.71 4.37 10.01
C ALA A 192 -3.05 4.46 11.37
N ILE A 193 -2.47 3.34 11.78
CA ILE A 193 -1.81 3.22 13.07
C ILE A 193 -0.34 3.61 12.91
N THR A 194 0.18 4.38 13.85
CA THR A 194 1.60 4.73 13.87
C THR A 194 2.42 3.64 14.54
N PHE A 195 3.64 3.46 14.04
CA PHE A 195 4.58 2.54 14.65
C PHE A 195 4.93 2.96 16.07
N ARG A 196 4.60 4.20 16.49
CA ARG A 196 4.74 4.60 17.88
C ARG A 196 3.81 3.82 18.80
N ASP A 197 2.78 3.18 18.24
CA ASP A 197 1.91 2.30 19.01
C ASP A 197 2.74 1.19 19.63
N PRO A 198 2.56 0.89 20.89
CA PRO A 198 3.51 -0.04 21.56
C PRO A 198 3.59 -1.45 20.96
N VAL A 199 2.51 -1.99 20.38
CA VAL A 199 2.52 -3.39 19.95
C VAL A 199 2.20 -3.55 18.47
N ALA A 200 2.03 -2.46 17.72
CA ALA A 200 1.59 -2.57 16.33
C ALA A 200 2.55 -3.42 15.50
N PHE A 201 3.87 -3.25 15.69
CA PHE A 201 4.90 -4.05 15.03
C PHE A 201 4.57 -5.55 15.08
N PHE A 202 4.23 -6.03 16.27
CA PHE A 202 4.01 -7.44 16.48
C PHE A 202 2.66 -7.87 15.91
N GLU A 203 1.65 -7.03 16.06
CA GLU A 203 0.32 -7.36 15.57
C GLU A 203 0.29 -7.38 14.05
N ARG A 204 1.00 -6.46 13.41
CA ARG A 204 1.08 -6.47 11.95
C ARG A 204 1.87 -7.66 11.43
N ASN A 205 2.91 -8.10 12.16
CA ASN A 205 3.57 -9.35 11.81
C ASN A 205 2.58 -10.51 11.85
N LEU A 206 1.74 -10.55 12.89
CA LEU A 206 0.76 -11.61 13.01
C LEU A 206 -0.22 -11.60 11.84
N PHE A 207 -0.80 -10.44 11.52
CA PHE A 207 -1.74 -10.43 10.40
C PHE A 207 -1.06 -10.73 9.06
N SER A 208 0.22 -10.35 8.92
CA SER A 208 0.96 -10.65 7.69
C SER A 208 0.92 -12.13 7.41
N HIS A 209 1.05 -12.94 8.46
CA HIS A 209 1.03 -14.39 8.32
C HIS A 209 -0.39 -14.91 8.19
N ALA A 210 -1.31 -14.38 8.99
CA ALA A 210 -2.67 -14.87 8.96
C ALA A 210 -3.27 -14.77 7.56
N THR A 211 -3.16 -13.59 6.96
CA THR A 211 -3.69 -13.36 5.63
C THR A 211 -3.00 -14.26 4.61
N ALA A 212 -1.66 -14.30 4.64
CA ALA A 212 -0.91 -15.07 3.65
C ALA A 212 -1.20 -16.56 3.74
N GLU A 213 -1.42 -17.05 4.96
CA GLU A 213 -1.53 -18.48 5.19
C GLU A 213 -2.98 -18.94 5.31
N GLY A 214 -3.94 -18.01 5.24
CA GLY A 214 -5.35 -18.37 5.34
C GLY A 214 -5.77 -18.88 6.70
N ILE A 215 -5.20 -18.30 7.75
CA ILE A 215 -5.51 -18.66 9.12
C ILE A 215 -6.30 -17.52 9.73
N GLU A 216 -7.53 -17.78 10.16
CA GLU A 216 -8.40 -16.71 10.62
C GLU A 216 -7.87 -16.07 11.90
N VAL A 217 -8.12 -14.76 12.02
CA VAL A 217 -7.88 -14.00 13.25
C VAL A 217 -9.20 -13.42 13.67
N ASP A 218 -9.65 -13.79 14.86
CA ASP A 218 -10.91 -13.33 15.42
C ASP A 218 -10.58 -12.40 16.57
N PRO A 219 -10.96 -11.12 16.53
CA PRO A 219 -10.53 -10.18 17.57
C PRO A 219 -10.82 -10.67 18.97
N TYR A 220 -11.90 -11.41 19.16
CA TYR A 220 -12.31 -11.79 20.50
C TYR A 220 -11.89 -13.20 20.89
N ARG A 221 -11.26 -13.94 19.98
CA ARG A 221 -10.90 -15.33 20.28
C ARG A 221 -9.41 -15.61 20.25
N ASN A 222 -8.65 -15.13 19.25
CA ASN A 222 -7.28 -15.60 19.14
C ASN A 222 -6.26 -14.54 18.70
N ASN A 223 -6.57 -13.25 18.88
CA ASN A 223 -5.57 -12.21 18.67
C ASN A 223 -5.07 -11.75 20.04
N PRO A 224 -3.85 -12.11 20.45
CA PRO A 224 -3.42 -11.77 21.81
C PRO A 224 -3.14 -10.29 22.00
N TYR A 225 -2.96 -9.55 20.92
CA TYR A 225 -2.65 -8.14 20.97
C TYR A 225 -3.90 -7.28 21.08
N GLU A 226 -5.07 -7.84 20.73
CA GLU A 226 -6.31 -7.05 20.73
C GLU A 226 -6.64 -6.47 22.10
N PRO A 227 -6.60 -7.23 23.20
CA PRO A 227 -6.94 -6.65 24.52
C PRO A 227 -5.86 -5.78 25.14
N MET A 228 -4.69 -5.65 24.51
CA MET A 228 -3.55 -5.03 25.17
C MET A 228 -3.62 -3.51 25.27
N ARG A 229 -4.21 -2.82 24.30
CA ARG A 229 -4.18 -1.35 24.36
C ARG A 229 -5.21 -0.76 23.42
N GLU A 230 -5.36 0.56 23.53
CA GLU A 230 -6.09 1.37 22.56
C GLU A 230 -5.12 1.74 21.45
N ARG A 231 -5.39 1.25 20.25
CA ARG A 231 -4.47 1.46 19.14
C ARG A 231 -4.26 2.94 18.86
N VAL A 232 -3.02 3.32 18.51
CA VAL A 232 -2.68 4.72 18.28
C VAL A 232 -2.96 5.00 16.81
N VAL A 233 -4.22 5.34 16.50
CA VAL A 233 -4.63 5.69 15.15
C VAL A 233 -4.45 7.19 14.95
N VAL A 234 -3.95 7.58 13.79
CA VAL A 234 -3.75 9.00 13.47
C VAL A 234 -4.82 9.40 12.48
N TRP A 235 -5.67 10.35 12.88
CA TRP A 235 -6.80 10.84 12.10
C TRP A 235 -6.53 12.20 11.49
N GLU A 236 -5.67 12.98 12.12
CA GLU A 236 -5.37 14.33 11.66
C GLU A 236 -4.30 14.27 10.58
N VAL A 237 -4.34 15.22 9.66
CA VAL A 237 -3.34 15.26 8.61
C VAL A 237 -3.24 16.68 8.08
N ARG A 238 -2.07 17.02 7.57
CA ARG A 238 -1.83 18.26 6.85
C ARG A 238 -1.57 17.89 5.40
N GLU A 239 -2.64 17.90 4.59
CA GLU A 239 -2.53 17.33 3.24
C GLU A 239 -1.58 18.12 2.38
N GLU A 240 -1.42 19.42 2.65
CA GLU A 240 -0.54 20.26 1.85
C GLU A 240 0.91 19.80 1.92
N LEU A 241 1.27 18.95 2.89
CA LEU A 241 2.63 18.44 2.98
C LEU A 241 2.88 17.28 2.05
N PHE A 242 1.86 16.73 1.44
CA PHE A 242 1.99 15.45 0.76
C PHE A 242 1.54 15.54 -0.68
N ASP A 243 2.08 14.65 -1.50
CA ASP A 243 1.68 14.54 -2.89
C ASP A 243 0.46 13.66 -3.08
N GLU A 244 0.22 12.73 -2.16
CA GLU A 244 -0.84 11.73 -2.25
C GLU A 244 -1.44 11.53 -0.89
N VAL A 245 -2.76 11.34 -0.85
CA VAL A 245 -3.50 11.05 0.37
C VAL A 245 -4.17 9.70 0.19
N PHE A 246 -3.99 8.83 1.16
CA PHE A 246 -4.56 7.48 1.13
C PHE A 246 -5.50 7.38 2.32
N ILE A 247 -6.78 7.24 2.02
CA ILE A 247 -7.82 7.15 3.04
C ILE A 247 -8.07 5.67 3.33
N LEU A 248 -7.82 5.25 4.58
CA LEU A 248 -8.15 3.87 4.95
C LEU A 248 -9.59 3.73 5.41
N ALA A 249 -9.95 4.45 6.45
CA ALA A 249 -11.28 4.37 7.04
C ALA A 249 -12.10 5.58 6.61
N SER A 250 -13.18 5.33 5.88
CA SER A 250 -13.96 6.39 5.26
C SER A 250 -15.33 6.57 5.90
N GLY A 251 -15.71 5.73 6.83
CA GLY A 251 -17.07 5.56 7.27
C GLY A 251 -17.23 4.17 7.85
N GLU A 252 -18.45 3.64 7.75
CA GLU A 252 -18.75 2.37 8.41
C GLU A 252 -17.88 1.25 7.84
N PRO A 253 -17.44 0.32 8.66
CA PRO A 253 -16.51 -0.71 8.17
C PRO A 253 -17.16 -1.64 7.16
N PRO A 254 -16.39 -2.11 6.15
CA PRO A 254 -16.91 -3.11 5.22
C PRO A 254 -17.06 -4.47 5.88
ZN ZN B . 6.98 -13.87 10.66
C ACT C . -3.05 0.00 10.16
O ACT C . -2.30 1.00 10.19
OXT ACT C . -2.48 -1.11 10.15
CH3 ACT C . -4.55 0.12 10.18
H1 ACT C . -4.83 1.17 10.21
H2 ACT C . -4.96 -0.33 9.28
H3 ACT C . -4.95 -0.39 11.05
#